data_2QIP
#
_entry.id   2QIP
#
_cell.length_a   62.207
_cell.length_b   75.034
_cell.length_c   80.418
_cell.angle_alpha   90.00
_cell.angle_beta   90.00
_cell.angle_gamma   90.00
#
_symmetry.space_group_name_H-M   'I 2 2 2'
#
loop_
_entity.id
_entity.type
_entity.pdbx_description
1 polymer 'Protein of unknown function VPA0982'
2 non-polymer 1,2-ETHANEDIOL
3 water water
#
_entity_poly.entity_id   1
_entity_poly.type   'polypeptide(L)'
_entity_poly.pdbx_seq_one_letter_code
;SNA(MSE)QSDHKEKIAILVDVQNVYYTCREAYRSNFDYNQFWYVATQEKEVVSAKAYAIASNDPKQRQFHHILRGVGFE
V(MSE)LKPYIQRRDGSAKGDWDVGITLDAIEIAPDVDRVILVSGDGDFSLLVERIQQRYNKKVTVYGVPRLTSQTLIDC
ADNFVAIDDDFLL
;
_entity_poly.pdbx_strand_id   A
#
# COMPACT_ATOMS: atom_id res chain seq x y z
N GLN A 5 -28.07 -9.19 -12.35
CA GLN A 5 -26.75 -8.74 -11.93
C GLN A 5 -26.57 -7.23 -12.10
N SER A 6 -25.95 -6.60 -11.10
CA SER A 6 -25.86 -5.15 -11.05
C SER A 6 -24.83 -4.52 -11.99
N ASP A 7 -23.85 -5.32 -12.43
CA ASP A 7 -22.67 -4.83 -13.17
C ASP A 7 -21.97 -3.67 -12.44
N HIS A 8 -21.89 -3.76 -11.12
CA HIS A 8 -21.13 -2.79 -10.34
C HIS A 8 -19.67 -2.89 -10.80
N LYS A 9 -18.98 -1.75 -10.90
CA LYS A 9 -17.52 -1.75 -11.14
C LYS A 9 -16.86 -2.52 -10.00
N GLU A 10 -15.69 -3.12 -10.24
CA GLU A 10 -14.96 -3.81 -9.18
C GLU A 10 -14.69 -2.81 -8.05
N LYS A 11 -15.06 -3.20 -6.83
CA LYS A 11 -14.82 -2.36 -5.66
C LYS A 11 -13.42 -2.66 -5.11
N ILE A 12 -12.63 -1.62 -4.87
CA ILE A 12 -11.26 -1.80 -4.39
C ILE A 12 -10.99 -1.00 -3.12
N ALA A 13 -10.07 -1.53 -2.33
CA ALA A 13 -9.44 -0.77 -1.24
C ALA A 13 -7.96 -0.72 -1.52
N ILE A 14 -7.36 0.46 -1.32
CA ILE A 14 -5.92 0.59 -1.52
C ILE A 14 -5.28 0.90 -0.18
N LEU A 15 -4.17 0.20 0.13
CA LEU A 15 -3.37 0.47 1.32
C LEU A 15 -1.93 0.61 0.88
N VAL A 16 -1.35 1.78 1.10
CA VAL A 16 0.05 2.04 0.74
C VAL A 16 0.96 2.11 1.95
N ASP A 17 1.98 1.26 1.95
CA ASP A 17 3.01 1.25 2.99
C ASP A 17 4.04 2.30 2.50
N VAL A 18 3.81 3.58 2.83
CA VAL A 18 4.60 4.67 2.26
C VAL A 18 6.09 4.51 2.56
N GLN A 19 6.42 4.06 3.78
CA GLN A 19 7.85 3.90 4.13
C GLN A 19 8.51 2.81 3.27
N ASN A 20 7.82 1.69 3.07
CA ASN A 20 8.36 0.63 2.24
C ASN A 20 8.57 1.08 0.78
N VAL A 21 7.58 1.76 0.22
CA VAL A 21 7.68 2.30 -1.12
C VAL A 21 8.86 3.26 -1.23
N TYR A 22 9.00 4.14 -0.23
CA TYR A 22 10.06 5.13 -0.27
C TYR A 22 11.43 4.46 -0.28
N TYR A 23 11.66 3.61 0.71
CA TYR A 23 12.99 3.01 0.84
C TYR A 23 13.33 2.04 -0.28
N THR A 24 12.35 1.25 -0.72
CA THR A 24 12.64 0.33 -1.81
C THR A 24 12.87 1.06 -3.13
N CYS A 25 12.12 2.13 -3.39
CA CYS A 25 12.37 2.90 -4.61
C CYS A 25 13.71 3.61 -4.55
N ARG A 26 14.08 4.13 -3.37
CA ARG A 26 15.41 4.75 -3.21
C ARG A 26 16.54 3.73 -3.43
N GLU A 27 16.40 2.55 -2.84
CA GLU A 27 17.45 1.54 -2.92
CA GLU A 27 17.43 1.52 -2.92
C GLU A 27 17.60 0.96 -4.33
N ALA A 28 16.47 0.65 -4.97
CA ALA A 28 16.53 0.02 -6.29
C ALA A 28 16.79 0.99 -7.44
N TYR A 29 16.24 2.20 -7.33
CA TYR A 29 16.17 3.11 -8.46
C TYR A 29 16.71 4.53 -8.17
N ARG A 30 17.05 4.82 -6.92
CA ARG A 30 17.32 6.20 -6.46
C ARG A 30 16.33 7.22 -7.06
N SER A 31 15.05 6.84 -7.03
CA SER A 31 13.96 7.63 -7.58
C SER A 31 12.80 7.55 -6.62
N ASN A 32 11.82 8.43 -6.82
CA ASN A 32 10.61 8.44 -6.01
C ASN A 32 9.42 7.88 -6.78
N PHE A 33 8.49 7.30 -6.04
CA PHE A 33 7.25 6.74 -6.59
C PHE A 33 6.33 7.84 -7.11
N ASP A 34 5.74 7.61 -8.28
CA ASP A 34 4.78 8.54 -8.86
C ASP A 34 3.37 8.17 -8.40
N TYR A 35 2.92 8.82 -7.34
CA TYR A 35 1.62 8.50 -6.78
C TYR A 35 0.46 8.87 -7.70
N ASN A 36 0.64 9.91 -8.53
CA ASN A 36 -0.40 10.23 -9.49
C ASN A 36 -0.56 9.16 -10.56
N GLN A 37 0.55 8.63 -11.07
CA GLN A 37 0.50 7.56 -12.06
C GLN A 37 -0.11 6.31 -11.43
N PHE A 38 0.33 5.97 -10.23
CA PHE A 38 -0.24 4.82 -9.54
C PHE A 38 -1.76 4.98 -9.38
N TRP A 39 -2.22 6.12 -8.86
CA TRP A 39 -3.68 6.30 -8.67
C TRP A 39 -4.40 6.15 -10.00
N TYR A 40 -3.88 6.84 -11.01
CA TYR A 40 -4.47 6.79 -12.33
C TYR A 40 -4.67 5.36 -12.84
N VAL A 41 -3.62 4.55 -12.78
CA VAL A 41 -3.68 3.21 -13.31
C VAL A 41 -4.53 2.29 -12.41
N ALA A 42 -4.27 2.31 -11.11
CA ALA A 42 -4.89 1.34 -10.21
C ALA A 42 -6.40 1.52 -10.12
N THR A 43 -6.87 2.75 -10.31
CA THR A 43 -8.30 3.05 -10.14
C THR A 43 -9.12 3.03 -11.43
N GLN A 44 -8.49 2.75 -12.58
CA GLN A 44 -9.21 2.76 -13.87
C GLN A 44 -10.37 1.79 -13.81
N GLU A 45 -11.60 2.30 -14.02
CA GLU A 45 -12.81 1.47 -14.05
CA GLU A 45 -12.83 1.50 -14.04
C GLU A 45 -13.13 0.82 -12.72
N LYS A 46 -12.61 1.38 -11.63
CA LYS A 46 -12.83 0.80 -10.29
C LYS A 46 -13.63 1.74 -9.44
N GLU A 47 -14.40 1.16 -8.50
CA GLU A 47 -15.02 1.94 -7.44
C GLU A 47 -14.09 1.92 -6.23
N VAL A 48 -13.57 3.10 -5.89
CA VAL A 48 -12.61 3.19 -4.80
C VAL A 48 -13.39 3.34 -3.51
N VAL A 49 -13.49 2.24 -2.76
CA VAL A 49 -14.22 2.26 -1.49
C VAL A 49 -13.38 2.91 -0.40
N SER A 50 -12.07 2.69 -0.46
CA SER A 50 -11.16 3.19 0.56
C SER A 50 -9.79 3.30 -0.06
N ALA A 51 -9.05 4.35 0.32
CA ALA A 51 -7.68 4.50 -0.14
C ALA A 51 -6.90 5.21 0.95
N LYS A 52 -5.95 4.48 1.53
CA LYS A 52 -5.19 4.99 2.66
C LYS A 52 -3.70 4.84 2.42
N ALA A 53 -2.96 5.89 2.79
CA ALA A 53 -1.51 5.94 2.67
C ALA A 53 -0.95 6.02 4.08
N TYR A 54 -0.19 5.02 4.48
CA TYR A 54 0.29 4.89 5.86
C TYR A 54 1.69 5.46 5.94
N ALA A 55 1.80 6.60 6.61
CA ALA A 55 3.04 7.41 6.58
C ALA A 55 3.45 7.78 8.00
N ILE A 56 4.58 8.50 8.09
CA ILE A 56 5.12 8.93 9.38
C ILE A 56 4.90 10.43 9.52
N ALA A 57 4.36 10.85 10.66
CA ALA A 57 4.17 12.27 10.93
C ALA A 57 5.47 13.03 10.97
N SER A 58 5.40 14.30 10.56
CA SER A 58 6.63 15.10 10.42
C SER A 58 6.34 16.56 10.66
N ASN A 59 7.30 17.26 11.27
CA ASN A 59 7.20 18.72 11.38
C ASN A 59 7.95 19.41 10.23
N ASP A 60 8.55 18.61 9.33
CA ASP A 60 9.34 19.14 8.23
C ASP A 60 8.41 19.64 7.13
N PRO A 61 8.58 20.89 6.67
CA PRO A 61 7.65 21.42 5.67
C PRO A 61 7.58 20.60 4.36
N LYS A 62 8.70 20.01 3.94
CA LYS A 62 8.75 19.22 2.70
C LYS A 62 7.95 17.93 2.86
N GLN A 63 8.05 17.31 4.02
CA GLN A 63 7.25 16.12 4.31
C GLN A 63 5.76 16.45 4.42
N ARG A 64 5.43 17.55 5.11
CA ARG A 64 4.05 17.97 5.19
C ARG A 64 3.48 18.26 3.80
N GLN A 65 4.26 18.87 2.92
CA GLN A 65 3.83 19.12 1.55
C GLN A 65 3.57 17.81 0.78
N PHE A 66 4.47 16.84 0.93
CA PHE A 66 4.27 15.51 0.36
C PHE A 66 2.95 14.91 0.85
N HIS A 67 2.67 14.99 2.15
CA HIS A 67 1.39 14.48 2.62
C HIS A 67 0.21 15.21 2.01
N HIS A 68 0.35 16.53 1.87
CA HIS A 68 -0.69 17.31 1.24
C HIS A 68 -0.91 16.84 -0.20
N ILE A 69 0.17 16.57 -0.94
CA ILE A 69 0.05 16.04 -2.30
C ILE A 69 -0.73 14.71 -2.28
N LEU A 70 -0.37 13.82 -1.36
CA LEU A 70 -1.08 12.53 -1.29
C LEU A 70 -2.57 12.69 -1.07
N ARG A 71 -2.97 13.61 -0.19
CA ARG A 71 -4.38 13.84 0.05
C ARG A 71 -5.06 14.32 -1.24
N GLY A 72 -4.36 15.19 -1.97
CA GLY A 72 -4.84 15.68 -3.26
C GLY A 72 -5.05 14.62 -4.31
N VAL A 73 -4.16 13.62 -4.31
CA VAL A 73 -4.28 12.48 -5.23
C VAL A 73 -5.56 11.70 -4.93
N GLY A 74 -5.93 11.64 -3.65
CA GLY A 74 -7.14 10.95 -3.23
C GLY A 74 -7.00 10.09 -1.99
N PHE A 75 -5.80 10.00 -1.44
CA PHE A 75 -5.60 9.18 -0.25
C PHE A 75 -6.06 9.85 1.05
N GLU A 76 -6.60 9.07 1.98
CA GLU A 76 -6.59 9.49 3.39
C GLU A 76 -5.19 9.15 3.90
N VAL A 77 -4.48 10.15 4.42
CA VAL A 77 -3.13 9.93 4.92
C VAL A 77 -3.23 9.55 6.39
N LEU A 79 -1.22 8.95 9.59
CA LEU A 79 0.08 9.20 10.22
C LEU A 79 0.22 8.31 11.46
N LYS A 80 1.40 7.71 11.62
CA LYS A 80 1.57 6.76 12.71
C LYS A 80 1.47 7.46 14.07
N PRO A 81 0.63 6.93 14.98
CA PRO A 81 0.63 7.50 16.33
C PRO A 81 1.98 7.36 16.99
N TYR A 82 2.32 8.34 17.83
CA TYR A 82 3.47 8.23 18.72
C TYR A 82 3.46 6.90 19.49
N ILE A 83 4.61 6.24 19.52
CA ILE A 83 4.75 5.02 20.31
C ILE A 83 6.09 5.10 21.02
N GLN A 84 6.04 5.14 22.35
CA GLN A 84 7.24 5.20 23.18
C GLN A 84 8.06 3.91 22.99
N ARG A 85 9.38 4.03 22.97
CA ARG A 85 10.23 2.88 22.71
C ARG A 85 11.30 2.75 23.78
N ARG A 86 11.41 1.55 24.37
CA ARG A 86 12.43 1.26 25.39
C ARG A 86 13.43 0.20 24.91
N ASP A 87 13.09 -0.54 23.86
CA ASP A 87 13.86 -1.72 23.45
C ASP A 87 14.88 -1.51 22.31
N GLY A 88 14.94 -0.28 21.80
CA GLY A 88 15.86 0.04 20.70
C GLY A 88 15.41 -0.42 19.32
N SER A 89 14.16 -0.85 19.20
CA SER A 89 13.60 -1.37 17.95
C SER A 89 13.20 -0.26 16.96
N ALA A 90 12.98 -0.64 15.70
CA ALA A 90 12.60 0.31 14.64
C ALA A 90 11.25 0.99 14.91
N LYS A 91 11.24 2.32 14.85
CA LYS A 91 10.03 3.12 15.15
C LYS A 91 9.03 3.21 13.98
N GLY A 92 9.49 2.89 12.76
CA GLY A 92 8.72 3.22 11.57
C GLY A 92 7.69 2.23 11.06
N ASP A 93 7.50 1.08 11.74
CA ASP A 93 6.67 0.06 11.08
C ASP A 93 5.13 0.05 11.25
N TRP A 94 4.48 0.06 10.10
CA TRP A 94 3.02 0.15 10.03
C TRP A 94 2.35 -1.22 9.85
N ASP A 95 3.07 -2.32 10.05
CA ASP A 95 2.48 -3.62 9.78
C ASP A 95 1.23 -3.93 10.59
N VAL A 96 1.26 -3.61 11.89
CA VAL A 96 0.09 -3.89 12.72
C VAL A 96 -1.12 -3.08 12.20
N GLY A 97 -0.93 -1.78 11.94
CA GLY A 97 -2.09 -0.98 11.56
C GLY A 97 -2.62 -1.30 10.17
N ILE A 98 -1.72 -1.62 9.23
CA ILE A 98 -2.14 -2.05 7.89
C ILE A 98 -2.91 -3.38 7.96
N THR A 99 -2.42 -4.30 8.80
CA THR A 99 -3.10 -5.57 8.99
C THR A 99 -4.51 -5.36 9.53
N LEU A 100 -4.63 -4.53 10.57
CA LEU A 100 -5.96 -4.25 11.15
C LEU A 100 -6.92 -3.70 10.10
N ASP A 101 -6.47 -2.70 9.35
CA ASP A 101 -7.35 -2.01 8.41
C ASP A 101 -7.69 -2.87 7.19
N ALA A 102 -6.72 -3.66 6.71
CA ALA A 102 -6.95 -4.47 5.53
C ALA A 102 -8.02 -5.53 5.82
N ILE A 103 -7.92 -6.16 7.00
CA ILE A 103 -8.98 -7.14 7.36
C ILE A 103 -10.34 -6.47 7.54
N GLU A 104 -10.34 -5.29 8.16
CA GLU A 104 -11.59 -4.57 8.33
C GLU A 104 -12.27 -4.21 7.00
N ILE A 105 -11.49 -3.83 6.00
CA ILE A 105 -12.09 -3.37 4.75
C ILE A 105 -12.41 -4.53 3.79
N ALA A 106 -11.75 -5.68 3.97
CA ALA A 106 -11.95 -6.81 3.06
C ALA A 106 -13.44 -7.15 2.76
N PRO A 107 -14.30 -7.24 3.79
CA PRO A 107 -15.70 -7.59 3.45
C PRO A 107 -16.42 -6.58 2.56
N ASP A 108 -15.90 -5.36 2.49
CA ASP A 108 -16.57 -4.28 1.76
C ASP A 108 -16.07 -4.11 0.33
N VAL A 109 -15.06 -4.89 -0.06
CA VAL A 109 -14.46 -4.71 -1.39
C VAL A 109 -14.29 -6.05 -2.11
N ASP A 110 -14.17 -5.97 -3.43
CA ASP A 110 -13.86 -7.16 -4.22
C ASP A 110 -12.38 -7.47 -4.25
N ARG A 111 -11.56 -6.44 -4.09
CA ARG A 111 -10.12 -6.60 -4.20
C ARG A 111 -9.43 -5.59 -3.29
N VAL A 112 -8.44 -6.09 -2.56
CA VAL A 112 -7.54 -5.25 -1.75
C VAL A 112 -6.26 -5.07 -2.56
N ILE A 113 -5.83 -3.81 -2.71
CA ILE A 113 -4.56 -3.52 -3.37
C ILE A 113 -3.57 -3.04 -2.30
N LEU A 114 -2.53 -3.85 -2.09
CA LEU A 114 -1.51 -3.60 -1.07
C LEU A 114 -0.24 -3.15 -1.77
N VAL A 115 0.23 -1.95 -1.44
CA VAL A 115 1.45 -1.43 -2.05
C VAL A 115 2.56 -1.55 -1.01
N SER A 116 3.27 -2.67 -1.08
CA SER A 116 4.36 -2.98 -0.16
C SER A 116 5.06 -4.21 -0.70
N GLY A 117 6.37 -4.29 -0.47
CA GLY A 117 7.11 -5.51 -0.78
C GLY A 117 7.43 -6.36 0.42
N ASP A 118 6.91 -5.99 1.59
CA ASP A 118 7.24 -6.68 2.85
C ASP A 118 6.57 -8.05 2.93
N GLY A 119 7.39 -9.10 2.91
CA GLY A 119 6.87 -10.46 2.91
C GLY A 119 6.05 -10.83 4.13
N ASP A 120 6.18 -10.10 5.24
CA ASP A 120 5.35 -10.43 6.39
C ASP A 120 3.86 -10.26 6.07
N PHE A 121 3.56 -9.45 5.06
CA PHE A 121 2.15 -9.29 4.66
C PHE A 121 1.58 -10.54 3.96
N SER A 122 2.44 -11.53 3.67
CA SER A 122 1.92 -12.78 3.09
C SER A 122 0.82 -13.37 3.95
N LEU A 123 0.99 -13.31 5.28
CA LEU A 123 -0.03 -13.87 6.15
C LEU A 123 -1.35 -13.12 6.04
N LEU A 124 -1.25 -11.82 5.80
CA LEU A 124 -2.45 -10.98 5.64
C LEU A 124 -3.16 -11.30 4.33
N VAL A 125 -2.38 -11.44 3.25
CA VAL A 125 -2.96 -11.80 1.96
C VAL A 125 -3.72 -13.14 2.09
N GLU A 126 -3.05 -14.13 2.68
CA GLU A 126 -3.66 -15.45 2.87
C GLU A 126 -4.97 -15.33 3.66
N ARG A 127 -4.96 -14.52 4.73
CA ARG A 127 -6.15 -14.46 5.60
C ARG A 127 -7.32 -13.77 4.88
N ILE A 128 -7.03 -12.74 4.08
CA ILE A 128 -8.08 -12.12 3.27
C ILE A 128 -8.71 -13.14 2.31
N GLN A 129 -7.87 -13.94 1.67
CA GLN A 129 -8.36 -14.93 0.73
C GLN A 129 -9.17 -16.02 1.42
N GLN A 130 -8.69 -16.50 2.59
CA GLN A 130 -9.38 -17.60 3.32
C GLN A 130 -10.71 -17.15 3.89
N ARG A 131 -10.68 -16.04 4.61
CA ARG A 131 -11.87 -15.64 5.37
C ARG A 131 -12.90 -14.91 4.52
N TYR A 132 -12.42 -14.06 3.59
CA TYR A 132 -13.34 -13.21 2.81
C TYR A 132 -13.39 -13.58 1.33
N ASN A 133 -12.53 -14.49 0.92
CA ASN A 133 -12.42 -14.90 -0.49
C ASN A 133 -12.42 -13.72 -1.45
N LYS A 134 -11.69 -12.65 -1.07
CA LYS A 134 -11.51 -11.52 -1.97
C LYS A 134 -10.16 -11.63 -2.68
N LYS A 135 -10.00 -10.85 -3.76
CA LYS A 135 -8.74 -10.84 -4.50
C LYS A 135 -7.77 -9.88 -3.84
N VAL A 136 -6.49 -10.16 -4.01
CA VAL A 136 -5.45 -9.27 -3.54
C VAL A 136 -4.44 -9.04 -4.65
N THR A 137 -4.21 -7.76 -4.94
CA THR A 137 -3.10 -7.36 -5.82
C THR A 137 -2.02 -6.72 -4.96
N VAL A 138 -0.76 -7.10 -5.21
CA VAL A 138 0.40 -6.48 -4.57
C VAL A 138 1.16 -5.69 -5.60
N TYR A 139 1.49 -4.44 -5.25
CA TYR A 139 2.45 -3.65 -6.03
C TYR A 139 3.73 -3.59 -5.19
N GLY A 140 4.86 -3.93 -5.80
CA GLY A 140 6.12 -3.91 -5.07
C GLY A 140 7.29 -3.77 -6.02
N VAL A 141 8.42 -3.26 -5.52
CA VAL A 141 9.66 -3.20 -6.29
C VAL A 141 10.17 -4.65 -6.41
N PRO A 142 10.19 -5.22 -7.63
CA PRO A 142 10.45 -6.67 -7.72
C PRO A 142 11.73 -7.15 -7.03
N ARG A 143 12.83 -6.41 -7.19
CA ARG A 143 14.11 -6.90 -6.65
C ARG A 143 14.17 -6.81 -5.11
N LEU A 144 13.14 -6.22 -4.50
CA LEU A 144 13.10 -6.04 -3.05
C LEU A 144 11.80 -6.56 -2.43
N THR A 145 11.00 -7.24 -3.24
CA THR A 145 9.72 -7.80 -2.80
C THR A 145 9.86 -9.29 -2.54
N SER A 146 9.32 -9.74 -1.40
CA SER A 146 9.34 -11.14 -1.06
C SER A 146 8.68 -12.01 -2.10
N GLN A 147 9.33 -13.10 -2.52
CA GLN A 147 8.72 -14.01 -3.49
C GLN A 147 7.47 -14.67 -2.92
N THR A 148 7.46 -14.87 -1.60
CA THR A 148 6.31 -15.50 -0.94
C THR A 148 5.09 -14.60 -1.08
N LEU A 149 5.30 -13.29 -0.90
CA LEU A 149 4.20 -12.34 -1.07
C LEU A 149 3.70 -12.30 -2.51
N ILE A 150 4.63 -12.30 -3.47
CA ILE A 150 4.26 -12.31 -4.90
C ILE A 150 3.42 -13.55 -5.21
N ASP A 151 3.83 -14.70 -4.70
CA ASP A 151 3.15 -15.95 -5.00
C ASP A 151 1.80 -16.06 -4.30
N CYS A 152 1.66 -15.45 -3.11
CA CYS A 152 0.39 -15.47 -2.38
C CYS A 152 -0.66 -14.59 -3.08
N ALA A 153 -0.24 -13.44 -3.59
CA ALA A 153 -1.15 -12.48 -4.22
C ALA A 153 -1.85 -13.10 -5.41
N ASP A 154 -3.09 -12.68 -5.66
CA ASP A 154 -3.75 -13.05 -6.90
C ASP A 154 -3.08 -12.46 -8.12
N ASN A 155 -2.60 -11.22 -8.00
CA ASN A 155 -1.88 -10.53 -9.07
C ASN A 155 -0.78 -9.73 -8.45
N PHE A 156 0.32 -9.60 -9.17
CA PHE A 156 1.46 -8.81 -8.75
C PHE A 156 1.78 -7.80 -9.84
N VAL A 157 1.96 -6.54 -9.47
CA VAL A 157 2.34 -5.51 -10.43
C VAL A 157 3.67 -4.90 -9.98
N ALA A 158 4.65 -4.88 -10.88
CA ALA A 158 5.96 -4.35 -10.54
C ALA A 158 5.95 -2.85 -10.35
N ILE A 159 6.57 -2.36 -9.26
CA ILE A 159 6.90 -0.94 -9.16
C ILE A 159 8.25 -0.81 -9.86
N ASP A 160 8.19 -0.27 -11.07
CA ASP A 160 9.38 -0.07 -11.89
C ASP A 160 9.23 1.27 -12.57
N ASP A 161 9.93 1.50 -13.67
CA ASP A 161 9.96 2.81 -14.27
C ASP A 161 8.58 3.35 -14.65
N ASP A 162 7.62 2.45 -14.91
CA ASP A 162 6.25 2.86 -15.25
C ASP A 162 5.53 3.61 -14.12
N PHE A 163 6.08 3.53 -12.91
CA PHE A 163 5.52 4.18 -11.74
C PHE A 163 6.51 5.05 -11.00
N LEU A 164 7.57 5.51 -11.68
CA LEU A 164 8.55 6.39 -11.05
C LEU A 164 8.44 7.82 -11.58
N LEU A 165 8.74 8.79 -10.73
CA LEU A 165 8.80 10.19 -11.13
C LEU A 165 10.04 10.45 -11.95
#